data_5E54
#
_entry.id   5E54
#
_cell.length_a   47.910
_cell.length_b   46.720
_cell.length_c   92.250
_cell.angle_alpha   90.000
_cell.angle_beta   94.060
_cell.angle_gamma   90.000
#
_symmetry.space_group_name_H-M   'P 1 21 1'
#
loop_
_entity.id
_entity.type
_entity.pdbx_description
1 polymer 'Vibrio vulnificus strain 93U204 chromosome II, adenine riboswitch aptamer domain'
2 non-polymer 'MAGNESIUM ION'
3 water water
#
_entity_poly.entity_id   1
_entity_poly.type   'polyribonucleotide'
_entity_poly.pdbx_seq_one_letter_code
;GGGAAGAUAUAAUCCUAAUGAUAUGGUUUGGGAGUUUCUACCAAGAGCCUUAAACUCUUGAUUAUCUUCCC
;
_entity_poly.pdbx_strand_id   A,B
#
loop_
_chem_comp.id
_chem_comp.type
_chem_comp.name
_chem_comp.formula
A RNA linking ADENOSINE-5'-MONOPHOSPHATE 'C10 H14 N5 O7 P'
C RNA linking CYTIDINE-5'-MONOPHOSPHATE 'C9 H14 N3 O8 P'
G RNA linking GUANOSINE-5'-MONOPHOSPHATE 'C10 H14 N5 O8 P'
MG non-polymer 'MAGNESIUM ION' 'Mg 2'
U RNA linking URIDINE-5'-MONOPHOSPHATE 'C9 H13 N2 O9 P'
#
# COMPACT_ATOMS: atom_id res chain seq x y z
MG MG C . 10.03 -11.60 3.52
MG MG D . -2.91 3.23 -10.51
MG MG E . -19.12 3.64 -0.71
MG MG F . 12.00 4.73 7.71
#